data_4CNH
#
_entry.id   4CNH
#
_cell.length_a   51.613
_cell.length_b   103.652
_cell.length_c   57.779
_cell.angle_alpha   90.00
_cell.angle_beta   90.00
_cell.angle_gamma   90.00
#
_symmetry.space_group_name_H-M   'P 1 21 1'
#
loop_
_entity.id
_entity.type
_entity.pdbx_description
1 polymer 'ALK TYROSINE KINASE RECEPTOR'
2 non-polymer 3-[(1R)-1-(5-fluoro-2-methoxyphenyl)ethoxy]-5-(1-methyl-1H-1,2,3-triazol-5-yl)pyridin-2-amine
3 water water
#
_entity_poly.entity_id   1
_entity_poly.type   'polypeptide(L)'
_entity_poly.pdbx_seq_one_letter_code
;MAHHHHHHNPNYCFAGKTSSISDLKEVPRKNITLIRGLGHGAFGEVYEGQVSGMPNDPSPLQVAVKTLPEVCSEQDELDF
LMEALIISKFNHQNIVRCIGVSLQSLPRFILLELMAGGDLKSFLRETRPRPSQPSSLAMLDLLHVARDIACGCQYLEENH
FIHRDIAARNCLLTCPGPGRVAKIGDFGMARDIYRASYYRKGGCAMLPVKWMPPEAFMEGIFTSKTDTWSFGVLLWEIFS
LGYMPYPSKSNQEVLEFVTSGGRMDPPKNCPGPVYRIMTQCWQHQPEDRPNFAIILERIEYCTQDPDVINTALPIEYGPL
VEEEEKV
;
_entity_poly.pdbx_strand_id   A,B
#
# COMPACT_ATOMS: atom_id res chain seq x y z
N PRO A 10 -14.67 -36.07 -20.84
CA PRO A 10 -14.34 -34.75 -20.25
C PRO A 10 -13.32 -34.02 -21.11
N ASN A 11 -13.72 -32.86 -21.63
CA ASN A 11 -12.83 -32.05 -22.46
C ASN A 11 -12.20 -30.93 -21.66
N TYR A 12 -11.12 -30.37 -22.20
CA TYR A 12 -10.51 -29.17 -21.63
C TYR A 12 -10.15 -28.16 -22.70
N CYS A 13 -10.64 -26.93 -22.53
CA CYS A 13 -10.37 -25.87 -23.48
C CYS A 13 -9.32 -24.91 -22.91
N PHE A 14 -8.22 -24.74 -23.64
CA PHE A 14 -7.23 -23.73 -23.30
C PHE A 14 -6.71 -23.05 -24.56
N ALA A 15 -6.70 -21.72 -24.53
CA ALA A 15 -6.26 -20.94 -25.68
C ALA A 15 -7.08 -21.33 -26.88
N GLY A 16 -6.43 -21.52 -28.02
CA GLY A 16 -7.12 -21.96 -29.21
C GLY A 16 -7.05 -23.46 -29.46
N LYS A 17 -7.55 -24.26 -28.51
CA LYS A 17 -7.53 -25.71 -28.69
C LYS A 17 -8.32 -26.47 -27.63
N THR A 18 -9.08 -27.47 -28.10
CA THR A 18 -9.76 -28.40 -27.21
C THR A 18 -8.93 -29.68 -27.14
N SER A 19 -8.94 -30.34 -25.98
CA SER A 19 -8.13 -31.54 -25.79
C SER A 19 -8.80 -32.50 -24.83
N SER A 20 -8.45 -33.78 -24.96
CA SER A 20 -9.01 -34.82 -24.08
C SER A 20 -7.92 -35.78 -23.61
N ILE A 21 -8.31 -36.77 -22.83
CA ILE A 21 -7.37 -37.75 -22.29
C ILE A 21 -6.50 -38.34 -23.39
N SER A 22 -7.07 -38.45 -24.58
CA SER A 22 -6.40 -39.14 -25.69
C SER A 22 -5.18 -38.34 -26.15
N ASP A 23 -5.21 -37.03 -25.93
CA ASP A 23 -4.11 -36.18 -26.34
C ASP A 23 -2.97 -36.17 -25.32
N LEU A 24 -3.24 -36.64 -24.11
CA LEU A 24 -2.22 -36.72 -23.07
C LEU A 24 -1.16 -37.76 -23.46
N LYS A 25 0.11 -37.45 -23.22
CA LYS A 25 1.19 -38.35 -23.57
C LYS A 25 1.36 -39.45 -22.50
N GLU A 26 0.76 -40.60 -22.74
CA GLU A 26 0.84 -41.72 -21.80
C GLU A 26 2.20 -42.39 -21.90
N VAL A 27 2.88 -42.53 -20.77
CA VAL A 27 4.21 -43.14 -20.72
C VAL A 27 4.09 -44.58 -20.25
N PRO A 28 4.70 -45.51 -20.98
CA PRO A 28 4.58 -46.92 -20.58
C PRO A 28 5.12 -47.12 -19.17
N ARG A 29 4.32 -47.74 -18.32
CA ARG A 29 4.62 -47.85 -16.90
C ARG A 29 5.99 -48.47 -16.65
N LYS A 30 6.42 -49.36 -17.53
CA LYS A 30 7.69 -50.03 -17.36
C LYS A 30 8.85 -49.04 -17.45
N ASN A 31 8.64 -47.93 -18.14
CA ASN A 31 9.68 -46.91 -18.30
C ASN A 31 9.80 -45.99 -17.10
N ILE A 32 8.94 -46.19 -16.09
CA ILE A 32 8.87 -45.28 -14.96
C ILE A 32 9.39 -45.94 -13.68
N THR A 33 10.34 -45.30 -13.02
CA THR A 33 10.89 -45.81 -11.77
C THR A 33 10.77 -44.75 -10.68
N LEU A 34 10.27 -45.14 -9.51
CA LEU A 34 10.24 -44.24 -8.37
C LEU A 34 11.56 -44.31 -7.60
N ILE A 35 12.09 -43.15 -7.22
CA ILE A 35 13.39 -43.08 -6.56
C ILE A 35 13.24 -42.85 -5.06
N ARG A 36 12.34 -41.95 -4.68
CA ARG A 36 12.13 -41.60 -3.27
C ARG A 36 10.91 -40.70 -3.10
N GLY A 37 10.32 -40.71 -1.91
CA GLY A 37 9.22 -39.80 -1.63
C GLY A 37 9.71 -38.36 -1.50
N LEU A 38 8.81 -37.40 -1.68
CA LEU A 38 9.17 -35.99 -1.51
C LEU A 38 8.21 -35.32 -0.55
N GLU A 45 1.09 -36.19 -2.15
CA GLU A 45 1.60 -37.51 -2.51
C GLU A 45 2.48 -37.45 -3.75
N VAL A 46 3.73 -37.05 -3.57
CA VAL A 46 4.65 -36.92 -4.69
C VAL A 46 5.95 -37.66 -4.45
N TYR A 47 6.49 -38.23 -5.51
CA TYR A 47 7.74 -38.98 -5.45
C TYR A 47 8.70 -38.39 -6.47
N GLU A 48 9.99 -38.54 -6.20
CA GLU A 48 10.99 -38.30 -7.23
C GLU A 48 11.11 -39.59 -8.04
N GLY A 49 11.21 -39.46 -9.36
CA GLY A 49 11.24 -40.63 -10.21
C GLY A 49 12.14 -40.50 -11.42
N GLN A 50 12.25 -41.57 -12.19
CA GLN A 50 13.01 -41.58 -13.43
C GLN A 50 12.18 -42.17 -14.55
N VAL A 51 12.28 -41.58 -15.73
CA VAL A 51 11.71 -42.18 -16.93
C VAL A 51 12.79 -42.38 -17.98
N SER A 52 12.80 -43.56 -18.59
CA SER A 52 13.81 -43.87 -19.60
C SER A 52 13.20 -43.76 -21.00
N PRO A 60 18.48 -40.33 -18.71
CA PRO A 60 17.15 -40.67 -18.17
C PRO A 60 16.54 -39.49 -17.44
N LEU A 61 15.30 -39.15 -17.76
CA LEU A 61 14.67 -37.93 -17.28
C LEU A 61 14.34 -38.01 -15.79
N GLN A 62 14.91 -37.08 -15.02
CA GLN A 62 14.46 -36.88 -13.65
C GLN A 62 13.07 -36.29 -13.69
N VAL A 63 12.19 -36.80 -12.83
CA VAL A 63 10.81 -36.36 -12.84
C VAL A 63 10.27 -36.31 -11.43
N ALA A 64 9.25 -35.50 -11.23
CA ALA A 64 8.41 -35.61 -10.04
C ALA A 64 7.15 -36.36 -10.46
N VAL A 65 6.68 -37.24 -9.58
CA VAL A 65 5.53 -38.09 -9.89
C VAL A 65 4.44 -37.75 -8.90
N LYS A 66 3.32 -37.24 -9.40
CA LYS A 66 2.13 -37.05 -8.58
C LYS A 66 1.27 -38.30 -8.73
N THR A 67 0.89 -38.89 -7.60
CA THR A 67 0.16 -40.16 -7.63
C THR A 67 -1.27 -39.99 -7.15
N LEU A 68 -2.20 -40.61 -7.87
CA LEU A 68 -3.59 -40.71 -7.46
C LEU A 68 -3.77 -41.96 -6.59
N PRO A 69 -4.24 -41.80 -5.34
CA PRO A 69 -4.41 -42.98 -4.49
C PRO A 69 -5.47 -43.92 -5.07
N GLU A 70 -5.18 -45.22 -5.07
CA GLU A 70 -6.10 -46.20 -5.64
C GLU A 70 -7.43 -46.16 -4.90
N VAL A 71 -7.36 -45.90 -3.60
CA VAL A 71 -8.56 -45.70 -2.80
C VAL A 71 -9.02 -44.25 -2.94
N CYS A 72 -9.94 -44.01 -3.88
CA CYS A 72 -10.46 -42.66 -4.12
C CYS A 72 -11.80 -42.73 -4.83
N SER A 73 -12.45 -41.58 -4.97
CA SER A 73 -13.79 -41.51 -5.57
C SER A 73 -13.72 -41.11 -7.03
N GLU A 74 -14.85 -41.24 -7.73
CA GLU A 74 -14.94 -40.92 -9.14
C GLU A 74 -14.49 -39.48 -9.39
N GLN A 75 -14.85 -38.59 -8.46
CA GLN A 75 -14.51 -37.18 -8.58
C GLN A 75 -13.01 -36.94 -8.48
N ASP A 76 -12.35 -37.66 -7.57
CA ASP A 76 -10.90 -37.56 -7.45
C ASP A 76 -10.25 -37.91 -8.77
N GLU A 77 -10.84 -38.84 -9.50
CA GLU A 77 -10.27 -39.33 -10.75
C GLU A 77 -10.40 -38.31 -11.87
N LEU A 78 -11.55 -37.63 -11.94
CA LEU A 78 -11.73 -36.59 -12.95
C LEU A 78 -10.96 -35.33 -12.58
N ASP A 79 -10.81 -35.07 -11.29
CA ASP A 79 -9.94 -33.98 -10.83
C ASP A 79 -8.51 -34.22 -11.29
N PHE A 80 -8.01 -35.42 -11.02
CA PHE A 80 -6.65 -35.80 -11.35
C PHE A 80 -6.43 -35.68 -12.85
N LEU A 81 -7.44 -36.11 -13.62
CA LEU A 81 -7.38 -36.05 -15.07
C LEU A 81 -7.41 -34.62 -15.59
N MET A 82 -8.21 -33.77 -14.96
CA MET A 82 -8.35 -32.39 -15.43
C MET A 82 -7.06 -31.64 -15.11
N GLU A 83 -6.42 -32.01 -14.02
CA GLU A 83 -5.15 -31.39 -13.64
C GLU A 83 -4.08 -31.71 -14.68
N ALA A 84 -4.06 -32.95 -15.16
CA ALA A 84 -3.10 -33.36 -16.17
C ALA A 84 -3.35 -32.61 -17.48
N LEU A 85 -4.61 -32.47 -17.85
CA LEU A 85 -4.98 -31.76 -19.07
C LEU A 85 -4.52 -30.30 -19.00
N ILE A 86 -4.83 -29.65 -17.88
CA ILE A 86 -4.46 -28.25 -17.69
C ILE A 86 -2.96 -28.05 -17.84
N ILE A 87 -2.16 -28.75 -17.04
CA ILE A 87 -0.73 -28.55 -17.07
C ILE A 87 -0.12 -28.92 -18.42
N SER A 88 -0.64 -29.96 -19.05
CA SER A 88 -0.08 -30.45 -20.32
C SER A 88 -0.25 -29.47 -21.47
N LYS A 89 -1.20 -28.55 -21.34
CA LYS A 89 -1.46 -27.61 -22.43
C LYS A 89 -0.65 -26.32 -22.29
N PHE A 90 -0.09 -26.08 -21.12
CA PHE A 90 0.78 -24.92 -20.95
C PHE A 90 2.11 -25.12 -21.68
N ASN A 91 2.66 -24.03 -22.19
CA ASN A 91 3.96 -24.07 -22.84
C ASN A 91 4.75 -22.80 -22.55
N HIS A 92 5.38 -22.77 -21.38
CA HIS A 92 6.18 -21.62 -20.98
C HIS A 92 7.26 -22.06 -20.01
N GLN A 93 8.43 -21.45 -20.09
CA GLN A 93 9.55 -21.87 -19.27
C GLN A 93 9.39 -21.56 -17.78
N ASN A 94 8.44 -20.69 -17.43
CA ASN A 94 8.16 -20.43 -16.02
C ASN A 94 6.89 -21.11 -15.52
N ILE A 95 6.46 -22.13 -16.24
CA ILE A 95 5.42 -23.02 -15.75
C ILE A 95 5.98 -24.44 -15.83
N VAL A 96 5.87 -25.18 -14.74
CA VAL A 96 6.40 -26.55 -14.72
C VAL A 96 5.84 -27.38 -15.86
N ARG A 97 6.71 -28.13 -16.53
CA ARG A 97 6.31 -28.96 -17.67
C ARG A 97 5.68 -30.25 -17.18
N CYS A 98 4.74 -30.77 -17.96
CA CYS A 98 4.27 -32.14 -17.76
C CYS A 98 5.00 -33.07 -18.72
N ILE A 99 5.85 -33.94 -18.16
CA ILE A 99 6.55 -34.93 -18.97
C ILE A 99 5.55 -35.90 -19.59
N GLY A 100 4.48 -36.19 -18.86
CA GLY A 100 3.47 -37.09 -19.38
C GLY A 100 2.62 -37.68 -18.28
N VAL A 101 1.86 -38.72 -18.63
CA VAL A 101 0.99 -39.39 -17.67
C VAL A 101 1.13 -40.90 -17.77
N SER A 102 0.73 -41.58 -16.71
CA SER A 102 0.51 -43.02 -16.76
C SER A 102 -0.82 -43.29 -16.10
N LEU A 103 -1.88 -43.35 -16.91
CA LEU A 103 -3.23 -43.48 -16.40
C LEU A 103 -3.78 -44.88 -16.64
N GLN A 104 -3.06 -45.66 -17.44
CA GLN A 104 -3.52 -46.99 -17.81
C GLN A 104 -3.01 -48.08 -16.87
N SER A 105 -2.19 -47.68 -15.89
CA SER A 105 -1.81 -48.55 -14.79
C SER A 105 -2.11 -47.87 -13.47
N LEU A 106 -2.26 -48.68 -12.41
CA LEU A 106 -2.56 -48.16 -11.09
C LEU A 106 -1.37 -48.37 -10.16
N PRO A 107 -1.14 -47.41 -9.25
CA PRO A 107 -1.88 -46.15 -9.19
C PRO A 107 -1.50 -45.26 -10.37
N ARG A 108 -2.38 -44.31 -10.71
CA ARG A 108 -2.13 -43.43 -11.84
C ARG A 108 -1.11 -42.36 -11.51
N PHE A 109 -0.30 -42.00 -12.49
CA PHE A 109 0.76 -41.02 -12.31
C PHE A 109 0.54 -39.80 -13.21
N ILE A 110 0.94 -38.63 -12.70
CA ILE A 110 1.23 -37.49 -13.55
C ILE A 110 2.72 -37.17 -13.38
N LEU A 111 3.44 -37.09 -14.49
CA LEU A 111 4.87 -36.85 -14.43
C LEU A 111 5.20 -35.39 -14.73
N LEU A 112 5.83 -34.73 -13.76
CA LEU A 112 6.18 -33.32 -13.91
C LEU A 112 7.68 -33.08 -13.88
N GLU A 113 8.11 -32.01 -14.54
CA GLU A 113 9.48 -31.53 -14.45
C GLU A 113 9.89 -31.50 -12.97
N LEU A 114 11.01 -32.13 -12.67
CA LEU A 114 11.49 -32.20 -11.28
C LEU A 114 12.20 -30.90 -10.91
N MET A 115 11.68 -30.21 -9.90
CA MET A 115 12.21 -28.94 -9.49
C MET A 115 12.99 -29.12 -8.18
N ALA A 116 14.32 -29.21 -8.32
CA ALA A 116 15.18 -29.70 -7.24
C ALA A 116 15.27 -28.74 -6.06
N GLY A 117 15.00 -27.45 -6.32
CA GLY A 117 15.06 -26.46 -5.27
C GLY A 117 13.85 -26.49 -4.35
N GLY A 118 12.84 -27.27 -4.71
CA GLY A 118 11.67 -27.37 -3.84
C GLY A 118 10.75 -26.17 -3.97
N ASP A 119 9.76 -26.08 -3.09
CA ASP A 119 8.79 -24.99 -3.16
C ASP A 119 9.38 -23.69 -2.63
N LEU A 120 8.85 -22.57 -3.13
CA LEU A 120 9.43 -21.26 -2.87
C LEU A 120 9.31 -20.84 -1.41
N LYS A 121 8.20 -21.17 -0.78
CA LYS A 121 7.99 -20.73 0.61
C LYS A 121 9.00 -21.39 1.53
N SER A 122 9.17 -22.70 1.37
CA SER A 122 10.12 -23.46 2.17
C SER A 122 11.56 -22.99 1.93
N PHE A 123 11.89 -22.72 0.67
CA PHE A 123 13.22 -22.23 0.33
C PHE A 123 13.54 -20.89 1.02
N LEU A 124 12.59 -19.96 1.01
CA LEU A 124 12.81 -18.67 1.63
C LEU A 124 13.07 -18.80 3.14
N ARG A 125 12.38 -19.74 3.77
CA ARG A 125 12.51 -19.93 5.21
C ARG A 125 13.82 -20.65 5.55
N GLU A 126 14.24 -21.55 4.68
CA GLU A 126 15.46 -22.34 4.92
C GLU A 126 16.73 -21.59 4.52
N THR A 127 16.59 -20.58 3.67
CA THR A 127 17.76 -19.91 3.09
C THR A 127 17.91 -18.48 3.57
N ARG A 128 17.10 -18.09 4.56
CA ARG A 128 17.23 -16.78 5.20
C ARG A 128 18.67 -16.51 5.63
N PRO A 129 19.16 -15.28 5.38
CA PRO A 129 20.48 -14.89 5.85
C PRO A 129 20.63 -15.08 7.35
N ARG A 130 21.71 -15.75 7.75
CA ARG A 130 21.97 -16.04 9.15
C ARG A 130 23.45 -15.78 9.47
N PRO A 131 23.81 -15.75 10.76
CA PRO A 131 25.21 -15.56 11.15
C PRO A 131 26.14 -16.63 10.56
N SER A 132 25.62 -17.82 10.33
CA SER A 132 26.41 -18.91 9.74
C SER A 132 26.45 -18.84 8.22
N GLN A 133 25.60 -18.00 7.63
CA GLN A 133 25.67 -17.71 6.19
C GLN A 133 24.96 -16.38 5.89
N PRO A 134 25.67 -15.26 6.14
CA PRO A 134 25.09 -13.91 6.16
C PRO A 134 24.72 -13.35 4.78
N SER A 135 25.20 -13.98 3.72
CA SER A 135 24.87 -13.55 2.36
C SER A 135 24.38 -14.70 1.48
N SER A 136 23.78 -15.71 2.10
CA SER A 136 23.21 -16.84 1.38
C SER A 136 22.23 -16.37 0.32
N LEU A 137 21.67 -15.19 0.55
CA LEU A 137 20.62 -14.66 -0.30
C LEU A 137 20.76 -13.14 -0.32
N ALA A 138 20.46 -12.54 -1.46
CA ALA A 138 20.54 -11.09 -1.57
C ALA A 138 19.35 -10.57 -2.35
N MET A 139 19.22 -9.26 -2.40
CA MET A 139 18.05 -8.61 -2.95
C MET A 139 17.85 -8.98 -4.42
N LEU A 140 18.95 -9.09 -5.17
CA LEU A 140 18.85 -9.39 -6.60
C LEU A 140 18.23 -10.78 -6.81
N ASP A 141 18.59 -11.71 -5.93
CA ASP A 141 18.05 -13.07 -6.01
C ASP A 141 16.53 -13.04 -5.89
N LEU A 142 16.02 -12.22 -4.97
CA LEU A 142 14.59 -12.19 -4.71
C LEU A 142 13.87 -11.54 -5.88
N LEU A 143 14.51 -10.53 -6.47
CA LEU A 143 13.93 -9.87 -7.65
C LEU A 143 13.85 -10.82 -8.83
N HIS A 144 14.85 -11.68 -8.98
CA HIS A 144 14.85 -12.62 -10.09
C HIS A 144 13.71 -13.64 -9.93
N VAL A 145 13.46 -14.07 -8.71
CA VAL A 145 12.34 -14.97 -8.46
C VAL A 145 11.03 -14.29 -8.79
N ALA A 146 10.86 -13.05 -8.33
CA ALA A 146 9.63 -12.31 -8.60
C ALA A 146 9.46 -12.13 -10.11
N ARG A 147 10.56 -11.82 -10.79
CA ARG A 147 10.51 -11.65 -12.24
C ARG A 147 10.11 -12.94 -12.94
N ASP A 148 10.66 -14.08 -12.49
CA ASP A 148 10.35 -15.36 -13.12
C ASP A 148 8.85 -15.66 -13.05
N ILE A 149 8.26 -15.48 -11.87
CA ILE A 149 6.86 -15.81 -11.68
C ILE A 149 5.99 -14.83 -12.46
N ALA A 150 6.42 -13.58 -12.51
CA ALA A 150 5.67 -12.56 -13.25
C ALA A 150 5.59 -12.91 -14.74
N CYS A 151 6.66 -13.48 -15.29
CA CYS A 151 6.66 -13.91 -16.69
C CYS A 151 5.68 -15.05 -16.87
N GLY A 152 5.72 -16.00 -15.92
CA GLY A 152 4.74 -17.06 -15.92
C GLY A 152 3.35 -16.48 -15.94
N CYS A 153 3.11 -15.51 -15.05
CA CYS A 153 1.80 -14.89 -14.92
C CYS A 153 1.38 -14.09 -16.14
N GLN A 154 2.33 -13.39 -16.77
CA GLN A 154 2.03 -12.70 -18.02
C GLN A 154 1.53 -13.70 -19.06
N TYR A 155 2.20 -14.86 -19.14
CA TYR A 155 1.80 -15.90 -20.08
C TYR A 155 0.35 -16.35 -19.83
N LEU A 156 0.02 -16.62 -18.57
CA LEU A 156 -1.35 -16.99 -18.24
C LEU A 156 -2.32 -15.87 -18.60
N GLU A 157 -1.94 -14.62 -18.35
CA GLU A 157 -2.82 -13.49 -18.61
C GLU A 157 -3.12 -13.35 -20.09
N GLU A 158 -2.08 -13.33 -20.92
CA GLU A 158 -2.24 -13.14 -22.35
C GLU A 158 -2.98 -14.32 -23.00
N ASN A 159 -3.04 -15.44 -22.30
CA ASN A 159 -3.79 -16.60 -22.75
C ASN A 159 -5.10 -16.75 -21.99
N HIS A 160 -5.45 -15.73 -21.21
CA HIS A 160 -6.78 -15.59 -20.64
C HIS A 160 -7.10 -16.68 -19.63
N PHE A 161 -6.05 -17.19 -18.99
CA PHE A 161 -6.19 -18.18 -17.92
C PHE A 161 -5.95 -17.47 -16.60
N ILE A 162 -6.91 -17.57 -15.70
CA ILE A 162 -6.77 -16.96 -14.38
C ILE A 162 -6.36 -18.03 -13.38
N HIS A 163 -5.21 -17.82 -12.73
CA HIS A 163 -4.65 -18.84 -11.87
C HIS A 163 -5.44 -18.99 -10.57
N ARG A 164 -5.74 -17.87 -9.93
CA ARG A 164 -6.63 -17.81 -8.77
C ARG A 164 -5.97 -18.17 -7.42
N ASP A 165 -4.71 -18.60 -7.46
CA ASP A 165 -4.04 -19.03 -6.24
C ASP A 165 -2.54 -18.74 -6.28
N ILE A 166 -2.17 -17.61 -6.85
CA ILE A 166 -0.76 -17.22 -6.88
C ILE A 166 -0.25 -17.00 -5.46
N ALA A 167 0.79 -17.74 -5.09
CA ALA A 167 1.29 -17.71 -3.72
C ALA A 167 2.58 -18.53 -3.66
N ALA A 168 3.42 -18.27 -2.68
CA ALA A 168 4.76 -18.84 -2.68
C ALA A 168 4.73 -20.36 -2.52
N ARG A 169 3.71 -20.87 -1.83
CA ARG A 169 3.56 -22.31 -1.64
C ARG A 169 3.30 -23.03 -2.97
N ASN A 170 2.88 -22.29 -3.99
CA ASN A 170 2.55 -22.90 -5.27
C ASN A 170 3.63 -22.67 -6.32
N CYS A 171 4.76 -22.12 -5.89
CA CYS A 171 5.89 -21.87 -6.78
C CYS A 171 7.02 -22.84 -6.46
N LEU A 172 7.76 -23.24 -7.49
CA LEU A 172 8.89 -24.15 -7.34
C LEU A 172 10.17 -23.55 -7.90
N LEU A 173 11.31 -24.05 -7.40
CA LEU A 173 12.62 -23.64 -7.87
C LEU A 173 13.36 -24.81 -8.52
N THR A 174 14.02 -24.55 -9.63
CA THR A 174 14.80 -25.58 -10.31
C THR A 174 15.97 -26.08 -9.47
N CYS A 175 16.50 -25.22 -8.60
CA CYS A 175 17.65 -25.59 -7.79
C CYS A 175 17.92 -24.57 -6.67
N PRO A 176 18.66 -24.98 -5.64
CA PRO A 176 18.98 -24.14 -4.47
C PRO A 176 19.88 -22.96 -4.79
N GLY A 177 20.84 -23.18 -5.68
CA GLY A 177 21.91 -22.22 -5.89
C GLY A 177 21.59 -21.09 -6.84
N PRO A 178 22.59 -20.23 -7.14
CA PRO A 178 22.44 -18.97 -7.87
C PRO A 178 21.85 -19.04 -9.28
N GLY A 179 21.88 -20.21 -9.90
CA GLY A 179 21.27 -20.33 -11.21
C GLY A 179 19.76 -20.57 -11.20
N ARG A 180 19.16 -20.51 -10.02
CA ARG A 180 17.79 -21.00 -9.84
C ARG A 180 16.74 -20.28 -10.70
N VAL A 181 15.75 -21.04 -11.14
CA VAL A 181 14.62 -20.48 -11.87
C VAL A 181 13.31 -20.82 -11.18
N ALA A 182 12.50 -19.79 -10.95
CA ALA A 182 11.21 -19.98 -10.28
C ALA A 182 10.12 -20.23 -11.32
N LYS A 183 9.26 -21.20 -11.02
CA LYS A 183 8.17 -21.57 -11.93
C LYS A 183 6.88 -21.78 -11.14
N ILE A 184 5.76 -21.53 -11.80
CA ILE A 184 4.45 -21.81 -11.23
C ILE A 184 4.23 -23.32 -11.27
N GLY A 185 3.88 -23.90 -10.13
CA GLY A 185 3.92 -25.35 -10.02
C GLY A 185 2.63 -26.07 -9.68
N ASP A 186 1.61 -25.34 -9.24
CA ASP A 186 0.32 -25.95 -8.88
C ASP A 186 -0.86 -25.18 -9.45
N PHE A 187 -1.82 -25.90 -10.02
CA PHE A 187 -3.00 -25.31 -10.62
C PHE A 187 -4.28 -25.94 -10.07
N GLY A 188 -4.18 -26.48 -8.87
CA GLY A 188 -5.33 -27.15 -8.26
C GLY A 188 -6.55 -26.27 -8.11
N MET A 189 -6.34 -25.00 -7.78
CA MET A 189 -7.46 -24.09 -7.59
C MET A 189 -8.18 -23.81 -8.91
N ALA A 190 -7.41 -23.57 -9.97
CA ALA A 190 -7.99 -23.32 -11.27
C ALA A 190 -8.69 -24.57 -11.79
N ARG A 191 -8.15 -25.73 -11.41
CA ARG A 191 -8.72 -27.02 -11.79
C ARG A 191 -10.12 -27.18 -11.19
N ASP A 192 -10.24 -26.92 -9.89
CA ASP A 192 -11.52 -26.98 -9.21
C ASP A 192 -12.53 -26.04 -9.87
N ILE A 193 -12.13 -24.80 -10.08
CA ILE A 193 -13.00 -23.79 -10.69
C ILE A 193 -13.50 -24.28 -12.05
N TYR A 194 -12.60 -24.84 -12.85
CA TYR A 194 -12.96 -25.33 -14.18
C TYR A 194 -13.96 -26.48 -14.05
N ARG A 195 -13.78 -27.30 -13.02
CA ARG A 195 -14.64 -28.45 -12.78
C ARG A 195 -14.48 -29.52 -13.86
N MET A 206 -12.70 -22.79 -0.28
CA MET A 206 -11.24 -22.85 -0.18
C MET A 206 -10.58 -21.60 -0.77
N LEU A 207 -11.21 -20.45 -0.58
CA LEU A 207 -10.61 -19.20 -0.99
C LEU A 207 -9.34 -18.93 -0.19
N PRO A 208 -8.21 -18.71 -0.88
CA PRO A 208 -7.01 -18.24 -0.20
C PRO A 208 -7.20 -16.78 0.20
N VAL A 209 -7.92 -16.58 1.29
CA VAL A 209 -8.36 -15.26 1.72
C VAL A 209 -7.25 -14.20 1.76
N LYS A 210 -6.11 -14.56 2.32
CA LYS A 210 -5.01 -13.59 2.47
C LYS A 210 -4.33 -13.21 1.15
N TRP A 211 -4.66 -13.89 0.07
CA TRP A 211 -4.09 -13.60 -1.25
C TRP A 211 -5.14 -12.98 -2.17
N MET A 212 -6.30 -12.65 -1.61
CA MET A 212 -7.44 -12.25 -2.43
C MET A 212 -7.81 -10.79 -2.30
N PRO A 213 -8.17 -10.15 -3.44
CA PRO A 213 -8.61 -8.76 -3.49
C PRO A 213 -10.03 -8.60 -2.95
N PRO A 214 -10.42 -7.35 -2.62
CA PRO A 214 -11.73 -7.06 -2.06
C PRO A 214 -12.91 -7.58 -2.90
N GLU A 215 -12.87 -7.37 -4.21
CA GLU A 215 -14.00 -7.73 -5.06
C GLU A 215 -14.27 -9.23 -5.05
N ALA A 216 -13.24 -10.03 -4.75
CA ALA A 216 -13.41 -11.47 -4.73
C ALA A 216 -14.31 -11.89 -3.57
N PHE A 217 -14.15 -11.20 -2.44
CA PHE A 217 -14.97 -11.49 -1.26
C PHE A 217 -16.40 -11.03 -1.47
N MET A 218 -16.57 -9.87 -2.07
CA MET A 218 -17.86 -9.19 -2.08
C MET A 218 -18.64 -9.38 -3.38
N GLU A 219 -17.93 -9.47 -4.50
CA GLU A 219 -18.56 -9.57 -5.80
C GLU A 219 -18.35 -10.94 -6.44
N GLY A 220 -17.32 -11.64 -5.98
CA GLY A 220 -17.02 -12.95 -6.54
C GLY A 220 -16.60 -12.87 -8.00
N ILE A 221 -16.41 -11.67 -8.51
CA ILE A 221 -15.92 -11.48 -9.86
C ILE A 221 -14.42 -11.67 -9.91
N PHE A 222 -13.97 -12.56 -10.80
CA PHE A 222 -12.55 -12.83 -10.95
C PHE A 222 -12.03 -12.41 -12.32
N THR A 223 -10.81 -11.90 -12.32
CA THR A 223 -10.20 -11.32 -13.50
C THR A 223 -8.70 -11.58 -13.40
N SER A 224 -7.96 -11.26 -14.46
CA SER A 224 -6.50 -11.35 -14.38
C SER A 224 -5.99 -10.34 -13.36
N LYS A 225 -6.81 -9.35 -13.03
CA LYS A 225 -6.46 -8.37 -12.01
C LYS A 225 -6.54 -9.00 -10.63
N THR A 226 -7.26 -10.12 -10.53
CA THR A 226 -7.25 -10.92 -9.32
C THR A 226 -5.84 -11.44 -9.09
N ASP A 227 -5.23 -11.98 -10.15
CA ASP A 227 -3.88 -12.50 -10.07
C ASP A 227 -2.87 -11.38 -9.78
N THR A 228 -3.11 -10.19 -10.32
CA THR A 228 -2.26 -9.05 -10.02
C THR A 228 -2.20 -8.79 -8.53
N TRP A 229 -3.36 -8.84 -7.87
CA TRP A 229 -3.43 -8.62 -6.43
C TRP A 229 -2.64 -9.70 -5.71
N SER A 230 -2.86 -10.95 -6.10
CA SER A 230 -2.17 -12.08 -5.46
C SER A 230 -0.67 -11.97 -5.65
N PHE A 231 -0.25 -11.54 -6.82
CA PHE A 231 1.18 -11.39 -7.07
C PHE A 231 1.79 -10.41 -6.07
N GLY A 232 1.06 -9.34 -5.75
CA GLY A 232 1.54 -8.39 -4.76
C GLY A 232 1.74 -9.04 -3.41
N VAL A 233 0.84 -9.94 -3.04
CA VAL A 233 0.99 -10.64 -1.78
C VAL A 233 2.19 -11.58 -1.87
N LEU A 234 2.30 -12.28 -3.00
CA LEU A 234 3.48 -13.10 -3.27
C LEU A 234 4.77 -12.28 -3.15
N LEU A 235 4.79 -11.09 -3.74
CA LEU A 235 5.93 -10.20 -3.62
C LEU A 235 6.28 -9.95 -2.15
N TRP A 236 5.27 -9.70 -1.33
CA TRP A 236 5.48 -9.47 0.09
C TRP A 236 6.08 -10.72 0.75
N GLU A 237 5.54 -11.89 0.43
CA GLU A 237 6.06 -13.16 0.96
C GLU A 237 7.54 -13.31 0.60
N ILE A 238 7.88 -13.02 -0.65
CA ILE A 238 9.26 -13.13 -1.10
C ILE A 238 10.18 -12.20 -0.32
N PHE A 239 9.83 -10.92 -0.25
CA PHE A 239 10.71 -9.95 0.38
C PHE A 239 10.68 -9.95 1.90
N SER A 240 9.69 -10.63 2.48
CA SER A 240 9.68 -10.92 3.91
C SER A 240 10.49 -12.18 4.19
N LEU A 241 10.88 -12.86 3.14
CA LEU A 241 11.58 -14.13 3.24
C LEU A 241 10.69 -15.23 3.83
N GLY A 242 9.44 -15.27 3.40
CA GLY A 242 8.60 -16.41 3.70
C GLY A 242 7.73 -16.32 4.94
N TYR A 243 7.48 -15.11 5.42
CA TYR A 243 6.47 -14.90 6.45
C TYR A 243 5.06 -15.10 5.89
N MET A 244 4.16 -15.51 6.77
CA MET A 244 2.73 -15.53 6.48
C MET A 244 2.25 -14.08 6.34
N PRO A 245 1.51 -13.77 5.28
CA PRO A 245 0.99 -12.40 5.11
C PRO A 245 0.00 -11.98 6.20
N TYR A 246 -0.07 -10.68 6.44
CA TYR A 246 -0.86 -10.12 7.53
C TYR A 246 -0.55 -10.85 8.83
N PRO A 247 0.72 -10.80 9.27
CA PRO A 247 1.09 -11.50 10.50
C PRO A 247 0.20 -11.07 11.66
N SER A 248 -0.23 -12.05 12.45
CA SER A 248 -1.08 -11.79 13.61
C SER A 248 -2.54 -11.55 13.28
N LYS A 249 -2.91 -11.65 12.00
CA LYS A 249 -4.32 -11.50 11.62
C LYS A 249 -4.93 -12.81 11.18
N SER A 250 -6.16 -13.06 11.64
CA SER A 250 -6.96 -14.18 11.16
C SER A 250 -7.57 -13.85 9.80
N ASN A 251 -8.19 -14.85 9.18
CA ASN A 251 -8.78 -14.69 7.86
C ASN A 251 -9.87 -13.62 7.81
N GLN A 252 -10.75 -13.62 8.81
CA GLN A 252 -11.84 -12.66 8.84
C GLN A 252 -11.34 -11.25 9.11
N GLU A 253 -10.34 -11.14 10.00
CA GLU A 253 -9.71 -9.85 10.29
C GLU A 253 -9.07 -9.27 9.03
N VAL A 254 -8.37 -10.11 8.29
CA VAL A 254 -7.81 -9.72 6.99
C VAL A 254 -8.90 -9.24 6.06
N LEU A 255 -9.98 -10.00 5.97
CA LEU A 255 -11.05 -9.69 5.03
C LEU A 255 -11.64 -8.30 5.30
N GLU A 256 -11.84 -7.98 6.58
CA GLU A 256 -12.39 -6.67 6.96
C GLU A 256 -11.34 -5.56 6.82
N PHE A 257 -10.11 -5.87 7.20
CA PHE A 257 -8.98 -4.95 7.07
C PHE A 257 -8.85 -4.48 5.61
N VAL A 258 -8.71 -5.44 4.70
CA VAL A 258 -8.45 -5.15 3.29
C VAL A 258 -9.62 -4.46 2.57
N THR A 259 -10.83 -4.86 2.91
CA THR A 259 -12.03 -4.26 2.34
C THR A 259 -12.17 -2.79 2.75
N SER A 260 -11.62 -2.45 3.91
CA SER A 260 -11.70 -1.09 4.42
C SER A 260 -10.50 -0.23 4.04
N GLY A 261 -9.64 -0.76 3.15
CA GLY A 261 -8.52 0.01 2.65
C GLY A 261 -7.17 -0.33 3.25
N GLY A 262 -7.17 -1.18 4.29
CA GLY A 262 -5.93 -1.54 4.94
C GLY A 262 -4.98 -2.34 4.07
N ARG A 263 -3.68 -2.10 4.24
CA ARG A 263 -2.66 -2.83 3.49
C ARG A 263 -1.48 -3.17 4.39
N MET A 264 -0.76 -4.23 4.04
CA MET A 264 0.44 -4.60 4.77
C MET A 264 1.49 -3.51 4.72
N ASP A 265 2.27 -3.40 5.80
CA ASP A 265 3.44 -2.55 5.81
C ASP A 265 4.56 -3.24 5.03
N PRO A 266 5.58 -2.48 4.61
CA PRO A 266 6.67 -3.16 3.90
C PRO A 266 7.34 -4.20 4.80
N PRO A 267 7.81 -5.30 4.20
CA PRO A 267 8.67 -6.27 4.89
C PRO A 267 9.94 -5.60 5.40
N LYS A 268 10.55 -6.21 6.42
CA LYS A 268 11.78 -5.65 6.99
C LYS A 268 12.82 -5.39 5.91
N ASN A 269 13.32 -4.14 5.87
CA ASN A 269 14.41 -3.75 4.96
C ASN A 269 14.02 -3.67 3.48
N CYS A 270 12.73 -3.79 3.18
CA CYS A 270 12.28 -3.79 1.79
C CYS A 270 12.57 -2.44 1.13
N PRO A 271 13.16 -2.48 -0.08
CA PRO A 271 13.42 -1.24 -0.83
C PRO A 271 12.12 -0.52 -1.21
N GLY A 272 12.15 0.80 -1.13
CA GLY A 272 10.96 1.59 -1.39
C GLY A 272 10.33 1.29 -2.73
N PRO A 273 11.14 1.14 -3.80
CA PRO A 273 10.59 0.81 -5.11
C PRO A 273 9.89 -0.55 -5.19
N VAL A 274 10.32 -1.50 -4.38
CA VAL A 274 9.69 -2.82 -4.42
C VAL A 274 8.34 -2.77 -3.71
N TYR A 275 8.30 -2.10 -2.56
CA TYR A 275 7.05 -1.90 -1.85
C TYR A 275 6.05 -1.17 -2.73
N ARG A 276 6.53 -0.21 -3.51
CA ARG A 276 5.64 0.54 -4.38
C ARG A 276 4.94 -0.39 -5.37
N ILE A 277 5.66 -1.39 -5.88
CA ILE A 277 5.05 -2.34 -6.80
C ILE A 277 3.93 -3.08 -6.07
N MET A 278 4.20 -3.54 -4.86
CA MET A 278 3.18 -4.22 -4.06
C MET A 278 1.92 -3.38 -3.89
N THR A 279 2.09 -2.13 -3.49
CA THR A 279 0.93 -1.29 -3.23
C THR A 279 0.16 -0.98 -4.52
N GLN A 280 0.86 -0.95 -5.65
CA GLN A 280 0.19 -0.79 -6.94
C GLN A 280 -0.64 -2.03 -7.29
N CYS A 281 -0.09 -3.20 -6.97
CA CYS A 281 -0.84 -4.45 -7.12
C CYS A 281 -2.09 -4.47 -6.24
N TRP A 282 -2.05 -3.75 -5.12
CA TRP A 282 -3.13 -3.75 -4.15
C TRP A 282 -4.09 -2.56 -4.23
N GLN A 283 -4.12 -1.88 -5.36
CA GLN A 283 -5.11 -0.83 -5.56
C GLN A 283 -6.53 -1.39 -5.42
N HIS A 284 -7.42 -0.62 -4.77
CA HIS A 284 -8.72 -1.16 -4.42
C HIS A 284 -9.55 -1.49 -5.66
N GLN A 285 -9.47 -0.62 -6.66
CA GLN A 285 -10.19 -0.80 -7.91
C GLN A 285 -9.32 -1.63 -8.85
N PRO A 286 -9.87 -2.75 -9.34
CA PRO A 286 -9.05 -3.65 -10.16
C PRO A 286 -8.39 -2.91 -11.33
N GLU A 287 -9.13 -2.04 -11.99
CA GLU A 287 -8.64 -1.37 -13.20
C GLU A 287 -7.47 -0.43 -12.92
N ASP A 288 -7.27 -0.08 -11.65
CA ASP A 288 -6.16 0.77 -11.24
C ASP A 288 -4.87 -0.05 -11.11
N ARG A 289 -5.00 -1.37 -11.05
CA ARG A 289 -3.86 -2.24 -10.84
C ARG A 289 -3.17 -2.53 -12.18
N PRO A 290 -1.83 -2.64 -12.16
CA PRO A 290 -1.06 -2.94 -13.37
C PRO A 290 -1.35 -4.35 -13.90
N ASN A 291 -1.29 -4.51 -15.22
CA ASN A 291 -1.25 -5.84 -15.82
C ASN A 291 0.17 -6.36 -15.67
N PHE A 292 0.40 -7.63 -16.01
CA PHE A 292 1.71 -8.22 -15.72
C PHE A 292 2.84 -7.72 -16.61
N ALA A 293 2.51 -7.23 -17.79
CA ALA A 293 3.52 -6.58 -18.63
C ALA A 293 4.13 -5.37 -17.91
N ILE A 294 3.28 -4.58 -17.25
CA ILE A 294 3.75 -3.42 -16.52
C ILE A 294 4.52 -3.83 -15.25
N ILE A 295 4.00 -4.82 -14.54
CA ILE A 295 4.72 -5.34 -13.39
C ILE A 295 6.13 -5.79 -13.80
N LEU A 296 6.23 -6.61 -14.84
CA LEU A 296 7.53 -7.09 -15.29
C LEU A 296 8.46 -5.92 -15.60
N GLU A 297 7.92 -4.91 -16.25
CA GLU A 297 8.67 -3.70 -16.58
C GLU A 297 9.22 -3.02 -15.33
N ARG A 298 8.40 -2.95 -14.27
CA ARG A 298 8.81 -2.27 -13.05
C ARG A 298 9.78 -3.10 -12.21
N ILE A 299 9.62 -4.41 -12.22
CA ILE A 299 10.60 -5.27 -11.58
C ILE A 299 11.97 -5.15 -12.26
N GLU A 300 11.98 -5.04 -13.59
CA GLU A 300 13.24 -4.89 -14.30
C GLU A 300 13.92 -3.58 -13.91
N TYR A 301 13.12 -2.53 -13.78
CA TYR A 301 13.65 -1.24 -13.33
C TYR A 301 14.32 -1.41 -11.97
N CYS A 302 13.66 -2.12 -11.07
CA CYS A 302 14.23 -2.38 -9.76
C CYS A 302 15.56 -3.12 -9.86
N THR A 303 15.63 -4.08 -10.77
CA THR A 303 16.83 -4.88 -10.95
C THR A 303 17.99 -4.03 -11.47
N GLN A 304 17.65 -2.92 -12.12
CA GLN A 304 18.64 -2.01 -12.69
C GLN A 304 19.03 -0.88 -11.75
N ASP A 305 18.35 -0.79 -10.62
CA ASP A 305 18.63 0.29 -9.67
C ASP A 305 19.57 -0.20 -8.58
N PRO A 306 20.82 0.28 -8.58
CA PRO A 306 21.77 -0.15 -7.57
C PRO A 306 21.35 0.15 -6.13
N ASP A 307 20.59 1.21 -5.93
CA ASP A 307 20.10 1.55 -4.59
C ASP A 307 19.09 0.51 -4.09
N VAL A 308 18.41 -0.17 -5.01
CA VAL A 308 17.56 -1.28 -4.63
C VAL A 308 18.39 -2.52 -4.32
N ILE A 309 19.17 -2.99 -5.29
CA ILE A 309 19.82 -4.29 -5.16
C ILE A 309 21.00 -4.30 -4.18
N ASN A 310 21.52 -3.12 -3.84
CA ASN A 310 22.59 -3.00 -2.85
C ASN A 310 22.05 -2.96 -1.41
N THR A 311 20.74 -3.09 -1.25
CA THR A 311 20.13 -3.12 0.07
C THR A 311 20.29 -4.50 0.69
N ALA A 312 20.79 -4.56 1.92
CA ALA A 312 21.04 -5.84 2.57
C ALA A 312 19.75 -6.40 3.20
N LEU A 313 19.61 -7.72 3.15
CA LEU A 313 18.49 -8.37 3.80
C LEU A 313 18.78 -8.49 5.29
N PRO A 314 17.73 -8.52 6.11
CA PRO A 314 17.93 -8.71 7.55
C PRO A 314 18.60 -10.06 7.85
N ILE A 315 19.52 -10.04 8.80
CA ILE A 315 20.16 -11.27 9.28
C ILE A 315 19.36 -11.80 10.46
N GLU A 316 18.97 -13.06 10.40
CA GLU A 316 18.11 -13.61 11.44
C GLU A 316 18.89 -14.40 12.48
N TYR A 317 18.48 -14.22 13.74
CA TYR A 317 19.17 -14.79 14.89
C TYR A 317 18.15 -15.62 15.68
N GLY A 318 18.51 -16.20 16.71
N ASN B 9 -15.97 8.57 -15.50
CA ASN B 9 -15.59 9.22 -14.20
C ASN B 9 -15.02 8.19 -13.22
N PRO B 10 -14.07 8.61 -12.39
CA PRO B 10 -13.35 7.71 -11.48
C PRO B 10 -14.22 7.08 -10.40
N ASN B 11 -13.84 5.91 -9.94
CA ASN B 11 -14.46 5.29 -8.77
C ASN B 11 -13.57 5.48 -7.54
N TYR B 12 -14.19 5.60 -6.38
CA TYR B 12 -13.45 5.74 -5.14
C TYR B 12 -14.14 4.99 -4.02
N CYS B 13 -13.37 4.25 -3.24
CA CYS B 13 -13.92 3.48 -2.13
C CYS B 13 -13.34 3.98 -0.81
N PHE B 14 -14.23 4.26 0.13
CA PHE B 14 -13.82 4.66 1.48
C PHE B 14 -14.75 4.01 2.48
N ALA B 15 -14.15 3.36 3.48
CA ALA B 15 -14.77 2.19 4.10
C ALA B 15 -14.93 1.15 3.00
N GLY B 16 -16.03 0.42 3.04
CA GLY B 16 -16.29 -0.55 1.99
C GLY B 16 -17.33 -0.03 1.03
N LYS B 17 -17.41 1.29 0.87
CA LYS B 17 -18.46 1.87 0.05
C LYS B 17 -17.91 2.71 -1.11
N THR B 18 -18.35 2.38 -2.31
CA THR B 18 -17.76 2.99 -3.51
C THR B 18 -18.63 4.09 -4.08
N SER B 19 -18.00 5.22 -4.38
CA SER B 19 -18.71 6.37 -4.94
C SER B 19 -18.02 6.85 -6.20
N SER B 20 -18.75 7.60 -7.01
CA SER B 20 -18.18 8.24 -8.18
C SER B 20 -18.56 9.71 -8.19
N ILE B 21 -17.99 10.46 -9.11
CA ILE B 21 -18.21 11.90 -9.17
C ILE B 21 -19.69 12.23 -9.25
N SER B 22 -20.45 11.36 -9.92
CA SER B 22 -21.87 11.61 -10.12
C SER B 22 -22.67 11.49 -8.82
N ASP B 23 -22.03 11.06 -7.74
CA ASP B 23 -22.69 11.01 -6.45
C ASP B 23 -22.50 12.31 -5.67
N LEU B 24 -21.60 13.17 -6.14
CA LEU B 24 -21.35 14.44 -5.48
C LEU B 24 -22.45 15.43 -5.81
N LYS B 25 -22.78 16.29 -4.85
CA LYS B 25 -23.77 17.34 -5.12
C LYS B 25 -23.17 18.39 -6.04
N GLU B 26 -23.71 18.50 -7.25
CA GLU B 26 -23.26 19.51 -8.19
C GLU B 26 -24.09 20.77 -8.01
N VAL B 27 -23.43 21.84 -7.57
CA VAL B 27 -24.10 23.13 -7.38
C VAL B 27 -24.13 23.89 -8.71
N PRO B 28 -25.32 24.36 -9.13
CA PRO B 28 -25.38 25.11 -10.39
C PRO B 28 -24.46 26.32 -10.36
N ARG B 29 -23.67 26.48 -11.41
CA ARG B 29 -22.65 27.52 -11.46
C ARG B 29 -23.23 28.92 -11.23
N LYS B 30 -24.46 29.14 -11.68
CA LYS B 30 -25.10 30.44 -11.54
C LYS B 30 -25.38 30.80 -10.08
N ASN B 31 -25.44 29.79 -9.21
CA ASN B 31 -25.72 30.03 -7.80
C ASN B 31 -24.45 30.34 -7.01
N ILE B 32 -23.31 30.39 -7.71
CA ILE B 32 -22.04 30.64 -7.06
C ILE B 32 -21.42 31.97 -7.48
N THR B 33 -21.12 32.82 -6.50
CA THR B 33 -20.42 34.06 -6.79
C THR B 33 -19.13 34.14 -6.00
N LEU B 34 -18.05 34.50 -6.68
CA LEU B 34 -16.75 34.67 -6.04
C LEU B 34 -16.63 36.10 -5.49
N ILE B 35 -16.18 36.20 -4.24
CA ILE B 35 -16.15 37.48 -3.53
C ILE B 35 -14.73 38.06 -3.47
N ARG B 36 -13.77 37.22 -3.06
CA ARG B 36 -12.39 37.67 -2.94
C ARG B 36 -11.41 36.50 -2.97
N GLY B 37 -10.15 36.82 -3.29
CA GLY B 37 -9.12 35.81 -3.27
C GLY B 37 -8.62 35.56 -1.87
N LEU B 38 -8.45 34.28 -1.54
CA LEU B 38 -7.72 33.88 -0.35
C LEU B 38 -6.34 33.45 -0.82
N GLY B 39 -5.63 32.67 -0.01
CA GLY B 39 -4.28 32.28 -0.40
C GLY B 39 -4.21 31.47 -1.68
N HIS B 40 -3.03 30.93 -1.96
CA HIS B 40 -2.88 29.92 -3.00
C HIS B 40 -2.87 28.54 -2.36
N GLY B 41 -3.57 27.60 -2.96
CA GLY B 41 -3.50 26.22 -2.52
C GLY B 41 -2.52 25.44 -3.39
N ALA B 42 -2.56 24.11 -3.28
CA ALA B 42 -1.66 23.27 -4.07
C ALA B 42 -2.10 23.14 -5.53
N PHE B 43 -3.37 23.42 -5.79
CA PHE B 43 -3.88 23.39 -7.17
C PHE B 43 -3.89 24.77 -7.83
N GLY B 44 -3.91 25.82 -7.01
CA GLY B 44 -4.07 27.17 -7.52
C GLY B 44 -4.79 28.06 -6.51
N GLU B 45 -5.27 29.21 -6.97
CA GLU B 45 -5.95 30.17 -6.12
C GLU B 45 -7.20 29.57 -5.47
N VAL B 46 -7.37 29.85 -4.18
CA VAL B 46 -8.64 29.55 -3.52
C VAL B 46 -9.38 30.86 -3.29
N TYR B 47 -10.70 30.82 -3.41
CA TYR B 47 -11.51 32.02 -3.23
C TYR B 47 -12.51 31.91 -2.10
N GLU B 48 -12.82 33.04 -1.49
CA GLU B 48 -14.02 33.13 -0.66
C GLU B 48 -15.20 33.37 -1.60
N GLY B 49 -16.30 32.69 -1.35
CA GLY B 49 -17.45 32.80 -2.23
C GLY B 49 -18.78 32.65 -1.52
N GLN B 50 -19.85 32.81 -2.29
CA GLN B 50 -21.21 32.68 -1.79
C GLN B 50 -22.01 31.76 -2.69
N VAL B 51 -22.75 30.84 -2.09
CA VAL B 51 -23.66 29.98 -2.85
C VAL B 51 -25.10 30.30 -2.49
N SER B 52 -25.88 30.69 -3.49
CA SER B 52 -27.26 31.07 -3.26
C SER B 52 -28.18 29.85 -3.36
N PRO B 60 -27.11 34.02 1.56
CA PRO B 60 -26.35 32.95 0.88
C PRO B 60 -25.40 32.25 1.83
N LEU B 61 -25.03 31.02 1.50
CA LEU B 61 -24.07 30.27 2.31
C LEU B 61 -22.65 30.64 1.92
N GLN B 62 -21.84 31.00 2.91
CA GLN B 62 -20.43 31.35 2.68
C GLN B 62 -19.61 30.09 2.51
N VAL B 63 -18.76 30.09 1.49
CA VAL B 63 -17.99 28.91 1.14
C VAL B 63 -16.55 29.30 0.82
N ALA B 64 -15.65 28.32 0.90
CA ALA B 64 -14.34 28.45 0.29
C ALA B 64 -14.38 27.70 -1.02
N VAL B 65 -13.77 28.30 -2.05
CA VAL B 65 -13.85 27.75 -3.39
C VAL B 65 -12.46 27.32 -3.83
N LYS B 66 -12.27 26.00 -3.90
CA LYS B 66 -11.04 25.43 -4.40
C LYS B 66 -11.19 25.34 -5.92
N THR B 67 -10.27 25.93 -6.66
CA THR B 67 -10.39 25.95 -8.11
C THR B 67 -9.29 25.19 -8.82
N LEU B 68 -9.61 24.66 -9.98
CA LEU B 68 -8.61 24.11 -10.88
C LEU B 68 -8.34 25.11 -11.99
N PRO B 69 -7.08 25.53 -12.15
CA PRO B 69 -6.73 26.42 -13.26
C PRO B 69 -7.16 25.79 -14.58
N GLU B 70 -7.77 26.60 -15.46
CA GLU B 70 -8.23 26.08 -16.74
C GLU B 70 -7.05 25.60 -17.58
N VAL B 71 -5.88 26.17 -17.30
CA VAL B 71 -4.66 25.72 -17.95
C VAL B 71 -3.97 24.67 -17.10
N CYS B 72 -4.24 23.40 -17.42
CA CYS B 72 -3.70 22.30 -16.61
C CYS B 72 -3.59 21.03 -17.44
N SER B 73 -2.85 20.05 -16.92
CA SER B 73 -2.69 18.76 -17.59
C SER B 73 -3.91 17.88 -17.36
N GLU B 74 -4.03 16.82 -18.15
CA GLU B 74 -5.11 15.86 -17.99
C GLU B 74 -4.97 15.19 -16.63
N GLN B 75 -3.73 15.13 -16.14
CA GLN B 75 -3.45 14.53 -14.85
C GLN B 75 -3.95 15.42 -13.73
N ASP B 76 -3.69 16.73 -13.85
CA ASP B 76 -4.23 17.70 -12.91
C ASP B 76 -5.75 17.56 -12.83
N GLU B 77 -6.35 17.41 -14.00
CA GLU B 77 -7.80 17.25 -14.11
C GLU B 77 -8.27 16.04 -13.30
N LEU B 78 -7.59 14.91 -13.47
CA LEU B 78 -7.97 13.71 -12.75
C LEU B 78 -7.76 13.88 -11.24
N ASP B 79 -6.61 14.43 -10.87
CA ASP B 79 -6.25 14.58 -9.46
C ASP B 79 -7.26 15.47 -8.71
N PHE B 80 -7.75 16.50 -9.38
CA PHE B 80 -8.71 17.44 -8.80
C PHE B 80 -10.02 16.74 -8.50
N LEU B 81 -10.49 15.95 -9.45
CA LEU B 81 -11.72 15.19 -9.27
C LEU B 81 -11.55 14.23 -8.09
N MET B 82 -10.38 13.59 -8.02
CA MET B 82 -10.13 12.61 -6.97
C MET B 82 -10.11 13.27 -5.60
N GLU B 83 -9.51 14.45 -5.50
CA GLU B 83 -9.52 15.14 -4.22
C GLU B 83 -10.93 15.59 -3.83
N ALA B 84 -11.76 15.92 -4.80
CA ALA B 84 -13.17 16.19 -4.56
C ALA B 84 -13.84 14.95 -3.97
N LEU B 85 -13.61 13.80 -4.61
CA LEU B 85 -14.23 12.56 -4.16
C LEU B 85 -13.78 12.21 -2.76
N ILE B 86 -12.49 12.34 -2.50
CA ILE B 86 -11.94 11.87 -1.25
C ILE B 86 -12.35 12.75 -0.07
N ILE B 87 -12.27 14.06 -0.24
CA ILE B 87 -12.70 14.95 0.85
C ILE B 87 -14.18 14.78 1.10
N SER B 88 -14.96 14.54 0.05
CA SER B 88 -16.40 14.35 0.18
C SER B 88 -16.85 13.12 0.97
N LYS B 89 -16.00 12.10 1.04
CA LYS B 89 -16.39 10.85 1.68
C LYS B 89 -15.95 10.79 3.15
N PHE B 90 -15.11 11.74 3.56
CA PHE B 90 -14.76 11.89 4.97
C PHE B 90 -15.97 12.42 5.72
N ASN B 91 -16.20 11.91 6.93
CA ASN B 91 -17.25 12.41 7.80
C ASN B 91 -16.73 12.49 9.23
N HIS B 92 -16.10 13.61 9.56
CA HIS B 92 -15.50 13.75 10.87
C HIS B 92 -15.42 15.21 11.27
N GLN B 93 -15.59 15.46 12.56
CA GLN B 93 -15.69 16.80 13.13
C GLN B 93 -14.43 17.65 12.90
N ASN B 94 -13.29 16.99 12.68
CA ASN B 94 -12.03 17.74 12.53
C ASN B 94 -11.42 17.63 11.15
N ILE B 95 -12.27 17.34 10.17
CA ILE B 95 -11.86 17.35 8.77
C ILE B 95 -12.84 18.26 8.03
N VAL B 96 -12.31 19.24 7.32
CA VAL B 96 -13.15 20.26 6.71
C VAL B 96 -14.20 19.63 5.82
N ARG B 97 -15.41 20.18 5.86
CA ARG B 97 -16.54 19.63 5.13
C ARG B 97 -16.49 20.14 3.70
N CYS B 98 -16.94 19.30 2.76
CA CYS B 98 -17.17 19.71 1.38
C CYS B 98 -18.66 19.89 1.15
N ILE B 99 -19.05 21.11 0.78
CA ILE B 99 -20.46 21.47 0.64
C ILE B 99 -21.03 20.92 -0.66
N GLY B 100 -20.15 20.81 -1.65
CA GLY B 100 -20.57 20.39 -2.98
C GLY B 100 -19.49 20.74 -3.97
N VAL B 101 -19.78 20.58 -5.24
CA VAL B 101 -18.78 20.79 -6.29
C VAL B 101 -19.42 21.51 -7.47
N SER B 102 -18.59 22.14 -8.29
CA SER B 102 -19.06 22.67 -9.57
C SER B 102 -18.06 22.21 -10.62
N LEU B 103 -18.26 20.99 -11.11
CA LEU B 103 -17.27 20.34 -11.97
C LEU B 103 -17.67 20.38 -13.44
N GLN B 104 -18.91 20.74 -13.72
CA GLN B 104 -19.43 20.71 -15.08
C GLN B 104 -19.27 22.07 -15.77
N SER B 105 -18.58 22.99 -15.10
CA SER B 105 -18.24 24.28 -15.68
C SER B 105 -16.77 24.60 -15.43
N LEU B 106 -16.22 25.52 -16.22
CA LEU B 106 -14.82 25.91 -16.09
C LEU B 106 -14.70 27.35 -15.60
N PRO B 107 -13.71 27.62 -14.74
CA PRO B 107 -12.86 26.60 -14.09
C PRO B 107 -13.63 25.74 -13.08
N ARG B 108 -13.14 24.53 -12.83
CA ARG B 108 -13.83 23.61 -11.94
C ARG B 108 -13.66 24.03 -10.48
N PHE B 109 -14.72 23.87 -9.70
CA PHE B 109 -14.75 24.29 -8.30
C PHE B 109 -14.98 23.11 -7.36
N ILE B 110 -14.23 23.08 -6.25
CA ILE B 110 -14.64 22.32 -5.08
C ILE B 110 -15.06 23.31 -3.98
N LEU B 111 -16.24 23.09 -3.40
CA LEU B 111 -16.80 24.03 -2.44
C LEU B 111 -16.68 23.52 -1.02
N LEU B 112 -15.91 24.22 -0.19
CA LEU B 112 -15.63 23.76 1.17
C LEU B 112 -16.25 24.71 2.17
N GLU B 113 -16.60 24.19 3.35
CA GLU B 113 -17.02 25.06 4.44
C GLU B 113 -15.94 26.11 4.65
N LEU B 114 -16.36 27.36 4.82
CA LEU B 114 -15.42 28.47 4.97
C LEU B 114 -14.92 28.52 6.40
N MET B 115 -13.62 28.30 6.58
CA MET B 115 -13.03 28.35 7.91
C MET B 115 -12.54 29.77 8.22
N ALA B 116 -13.30 30.49 9.04
CA ALA B 116 -13.09 31.92 9.24
C ALA B 116 -11.79 32.26 9.96
N GLY B 117 -11.19 31.28 10.62
CA GLY B 117 -9.93 31.51 11.29
C GLY B 117 -8.71 31.39 10.39
N GLY B 118 -8.91 30.97 9.14
CA GLY B 118 -7.78 30.80 8.25
C GLY B 118 -6.94 29.58 8.57
N ASP B 119 -5.75 29.51 7.98
CA ASP B 119 -4.85 28.38 8.22
C ASP B 119 -4.14 28.52 9.55
N LEU B 120 -3.79 27.39 10.14
CA LEU B 120 -3.20 27.36 11.47
C LEU B 120 -1.85 28.08 11.52
N LYS B 121 -1.03 27.91 10.49
CA LYS B 121 0.29 28.53 10.51
C LYS B 121 0.17 30.05 10.59
N SER B 122 -0.68 30.62 9.74
CA SER B 122 -0.87 32.07 9.71
C SER B 122 -1.45 32.55 11.02
N PHE B 123 -2.35 31.77 11.59
CA PHE B 123 -2.99 32.12 12.84
C PHE B 123 -1.98 32.18 13.98
N LEU B 124 -1.05 31.23 14.01
CA LEU B 124 -0.05 31.19 15.07
C LEU B 124 0.92 32.36 14.99
N ARG B 125 1.34 32.70 13.77
CA ARG B 125 2.25 33.81 13.56
C ARG B 125 1.60 35.13 13.98
N GLU B 126 0.31 35.28 13.67
CA GLU B 126 -0.37 36.57 13.84
C GLU B 126 -0.99 36.77 15.22
N THR B 127 -1.03 35.70 16.01
CA THR B 127 -1.64 35.76 17.33
C THR B 127 -0.62 35.54 18.45
N ARG B 128 0.66 35.70 18.14
CA ARG B 128 1.71 35.57 19.15
C ARG B 128 1.57 36.66 20.20
N PRO B 129 1.66 36.28 21.49
CA PRO B 129 1.64 37.28 22.56
C PRO B 129 2.72 38.33 22.34
N ARG B 130 2.30 39.59 22.27
CA ARG B 130 3.24 40.70 22.24
C ARG B 130 2.86 41.65 23.38
N PRO B 131 3.69 42.65 23.69
CA PRO B 131 3.35 43.56 24.78
C PRO B 131 1.99 44.24 24.59
N SER B 132 1.58 44.41 23.33
CA SER B 132 0.27 44.95 23.02
C SER B 132 -0.83 43.90 23.28
N SER B 136 -4.09 37.59 22.70
CA SER B 136 -3.36 36.71 23.59
C SER B 136 -3.67 35.26 23.26
N LEU B 137 -2.93 34.35 23.89
CA LEU B 137 -3.04 32.93 23.58
C LEU B 137 -2.48 32.17 24.79
N ALA B 138 -3.08 31.04 25.14
CA ALA B 138 -2.64 30.29 26.29
C ALA B 138 -2.25 28.85 25.93
N MET B 139 -1.50 28.21 26.82
CA MET B 139 -1.04 26.85 26.58
C MET B 139 -2.21 25.92 26.27
N LEU B 140 -3.34 26.11 26.94
CA LEU B 140 -4.49 25.24 26.75
C LEU B 140 -5.07 25.39 25.34
N ASP B 141 -5.03 26.60 24.80
CA ASP B 141 -5.47 26.82 23.42
C ASP B 141 -4.66 25.95 22.44
N LEU B 142 -3.35 25.93 22.61
CA LEU B 142 -2.47 25.14 21.76
C LEU B 142 -2.75 23.65 21.91
N LEU B 143 -3.01 23.21 23.14
CA LEU B 143 -3.31 21.81 23.39
C LEU B 143 -4.61 21.37 22.73
N HIS B 144 -5.61 22.26 22.72
CA HIS B 144 -6.89 21.94 22.09
C HIS B 144 -6.77 21.86 20.57
N VAL B 145 -5.95 22.72 19.98
CA VAL B 145 -5.63 22.60 18.56
C VAL B 145 -4.94 21.27 18.27
N ALA B 146 -3.93 20.94 19.05
CA ALA B 146 -3.21 19.69 18.86
C ALA B 146 -4.17 18.51 18.96
N ARG B 147 -5.07 18.57 19.93
CA ARG B 147 -6.01 17.48 20.17
C ARG B 147 -6.97 17.34 19.01
N ASP B 148 -7.49 18.48 18.54
CA ASP B 148 -8.38 18.50 17.40
C ASP B 148 -7.76 17.77 16.20
N ILE B 149 -6.52 18.11 15.87
CA ILE B 149 -5.90 17.58 14.66
C ILE B 149 -5.54 16.12 14.83
N ALA B 150 -5.05 15.75 16.01
CA ALA B 150 -4.79 14.35 16.31
C ALA B 150 -6.08 13.54 16.21
N CYS B 151 -7.21 14.18 16.54
CA CYS B 151 -8.49 13.50 16.44
C CYS B 151 -8.88 13.25 14.99
N GLY B 152 -8.68 14.24 14.13
CA GLY B 152 -8.86 14.03 12.70
C GLY B 152 -7.89 13.00 12.10
N CYS B 153 -6.64 13.04 12.53
CA CYS B 153 -5.64 12.06 12.10
C CYS B 153 -5.98 10.65 12.56
N GLN B 154 -6.61 10.55 13.73
CA GLN B 154 -6.96 9.24 14.27
C GLN B 154 -8.05 8.60 13.43
N TYR B 155 -8.98 9.44 12.97
CA TYR B 155 -10.05 9.02 12.06
C TYR B 155 -9.50 8.55 10.71
N LEU B 156 -8.52 9.28 10.18
CA LEU B 156 -7.87 8.86 8.94
C LEU B 156 -7.14 7.52 9.15
N GLU B 157 -6.37 7.40 10.22
CA GLU B 157 -5.63 6.17 10.49
C GLU B 157 -6.55 4.95 10.61
N GLU B 158 -7.64 5.08 11.36
CA GLU B 158 -8.52 3.94 11.57
C GLU B 158 -9.27 3.58 10.30
N ASN B 159 -9.39 4.55 9.40
CA ASN B 159 -9.98 4.30 8.09
C ASN B 159 -8.94 4.00 7.01
N HIS B 160 -7.68 3.88 7.42
CA HIS B 160 -6.60 3.45 6.53
C HIS B 160 -6.31 4.45 5.42
N PHE B 161 -6.56 5.72 5.70
CA PHE B 161 -6.20 6.76 4.76
C PHE B 161 -4.90 7.40 5.23
N ILE B 162 -3.92 7.46 4.33
CA ILE B 162 -2.64 8.07 4.63
C ILE B 162 -2.62 9.46 3.99
N HIS B 163 -2.34 10.48 4.79
CA HIS B 163 -2.47 11.86 4.31
C HIS B 163 -1.22 12.35 3.55
N ARG B 164 -0.05 12.16 4.16
CA ARG B 164 1.25 12.40 3.51
C ARG B 164 1.74 13.86 3.55
N ASP B 165 0.88 14.79 3.94
CA ASP B 165 1.30 16.20 4.03
C ASP B 165 0.69 16.89 5.26
N ILE B 166 0.82 16.26 6.43
CA ILE B 166 0.34 16.84 7.66
C ILE B 166 1.27 17.98 8.03
N ALA B 167 0.71 19.17 8.22
CA ALA B 167 1.51 20.35 8.54
C ALA B 167 0.57 21.51 8.84
N ALA B 168 1.08 22.49 9.59
CA ALA B 168 0.26 23.63 10.03
C ALA B 168 -0.39 24.38 8.86
N ARG B 169 0.27 24.39 7.71
CA ARG B 169 -0.23 25.16 6.58
C ARG B 169 -1.48 24.51 6.02
N ASN B 170 -1.64 23.21 6.29
CA ASN B 170 -2.78 22.45 5.77
C ASN B 170 -3.87 22.24 6.82
N CYS B 171 -3.76 22.94 7.95
CA CYS B 171 -4.83 22.92 8.94
C CYS B 171 -5.56 24.25 8.97
N LEU B 172 -6.84 24.22 9.37
CA LEU B 172 -7.69 25.40 9.37
C LEU B 172 -8.42 25.58 10.70
N LEU B 173 -8.79 26.82 11.03
CA LEU B 173 -9.54 27.12 12.25
C LEU B 173 -10.91 27.69 11.90
N THR B 174 -11.94 27.26 12.62
CA THR B 174 -13.30 27.75 12.38
C THR B 174 -13.42 29.27 12.63
N CYS B 175 -12.69 29.75 13.63
CA CYS B 175 -12.68 31.16 13.96
C CYS B 175 -11.40 31.49 14.72
N PRO B 176 -11.06 32.77 14.84
CA PRO B 176 -9.90 33.21 15.62
C PRO B 176 -10.16 33.14 17.13
N GLY B 177 -11.42 33.35 17.51
CA GLY B 177 -11.77 33.52 18.91
C GLY B 177 -11.75 32.23 19.71
N PRO B 178 -12.07 32.32 21.02
CA PRO B 178 -11.92 31.26 22.03
C PRO B 178 -12.48 29.88 21.65
N GLY B 179 -13.65 29.83 21.04
CA GLY B 179 -14.26 28.54 20.76
C GLY B 179 -13.80 27.86 19.48
N ARG B 180 -12.61 28.19 19.01
CA ARG B 180 -12.13 27.73 17.70
C ARG B 180 -12.01 26.21 17.63
N VAL B 181 -12.34 25.64 16.48
CA VAL B 181 -12.04 24.24 16.22
C VAL B 181 -11.01 24.15 15.11
N ALA B 182 -10.02 23.29 15.29
CA ALA B 182 -9.02 23.04 14.27
C ALA B 182 -9.39 21.81 13.46
N LYS B 183 -9.21 21.89 12.15
CA LYS B 183 -9.55 20.81 11.23
C LYS B 183 -8.45 20.63 10.19
N ILE B 184 -8.27 19.40 9.72
CA ILE B 184 -7.46 19.16 8.54
C ILE B 184 -8.22 19.75 7.35
N GLY B 185 -7.55 20.60 6.58
CA GLY B 185 -8.27 21.38 5.58
C GLY B 185 -7.92 21.11 4.13
N ASP B 186 -6.81 20.41 3.89
CA ASP B 186 -6.43 20.09 2.52
C ASP B 186 -5.36 18.99 2.46
N PHE B 187 -5.20 18.40 1.29
CA PHE B 187 -4.18 17.36 1.10
C PHE B 187 -2.84 18.00 0.76
N GLY B 188 -2.85 19.30 0.47
CA GLY B 188 -1.62 19.97 0.08
C GLY B 188 -0.92 19.28 -1.07
N MET B 189 0.37 19.05 -0.89
CA MET B 189 1.21 18.47 -1.95
C MET B 189 1.30 16.94 -1.86
N ALA B 190 0.32 16.32 -1.21
CA ALA B 190 0.32 14.86 -1.08
C ALA B 190 0.61 14.15 -2.41
N ARG B 191 0.00 14.63 -3.50
CA ARG B 191 0.18 13.96 -4.76
C ARG B 191 1.62 14.03 -5.24
N ASP B 192 2.26 15.19 -5.08
CA ASP B 192 3.66 15.38 -5.46
C ASP B 192 4.59 14.59 -4.54
N ILE B 193 4.25 14.56 -3.26
CA ILE B 193 5.04 13.85 -2.28
C ILE B 193 5.07 12.36 -2.59
N TYR B 194 3.93 11.81 -2.99
CA TYR B 194 3.84 10.39 -3.29
C TYR B 194 4.58 10.05 -4.59
N ARG B 195 4.49 10.95 -5.57
CA ARG B 195 5.03 10.69 -6.90
C ARG B 195 6.53 10.94 -7.05
N ALA B 196 7.13 11.63 -6.09
CA ALA B 196 8.56 11.89 -6.14
C ALA B 196 9.39 10.60 -6.23
N SER B 197 10.55 10.71 -6.87
CA SER B 197 11.50 9.60 -6.92
C SER B 197 12.62 9.79 -5.91
N TYR B 198 12.41 9.28 -4.70
CA TYR B 198 13.32 9.52 -3.59
C TYR B 198 14.63 8.75 -3.75
N CYS B 204 10.98 17.86 -6.27
CA CYS B 204 11.96 17.39 -5.30
C CYS B 204 12.31 18.53 -4.34
N ALA B 205 12.74 19.65 -4.91
CA ALA B 205 13.09 20.84 -4.12
C ALA B 205 11.84 21.52 -3.59
N MET B 206 10.68 21.08 -4.07
CA MET B 206 9.42 21.66 -3.63
C MET B 206 8.82 20.90 -2.45
N LEU B 207 9.31 19.68 -2.23
CA LEU B 207 8.70 18.80 -1.23
C LEU B 207 9.02 19.22 0.20
N PRO B 208 8.02 19.14 1.08
CA PRO B 208 8.19 19.52 2.48
C PRO B 208 8.92 18.44 3.29
N VAL B 209 10.20 18.25 2.99
CA VAL B 209 10.94 17.14 3.57
C VAL B 209 11.20 17.33 5.06
N LYS B 210 11.10 18.56 5.53
CA LYS B 210 11.27 18.85 6.94
C LYS B 210 10.16 18.24 7.80
N TRP B 211 9.07 17.79 7.16
CA TRP B 211 7.99 17.14 7.88
C TRP B 211 8.02 15.61 7.73
N MET B 212 9.06 15.08 7.09
CA MET B 212 9.07 13.68 6.70
C MET B 212 10.00 12.83 7.55
N PRO B 213 9.59 11.60 7.88
CA PRO B 213 10.46 10.58 8.49
C PRO B 213 11.44 10.05 7.46
N PRO B 214 12.56 9.48 7.92
CA PRO B 214 13.60 8.92 7.04
C PRO B 214 13.07 7.96 5.98
N GLU B 215 12.14 7.09 6.35
CA GLU B 215 11.67 6.11 5.38
C GLU B 215 10.84 6.77 4.28
N ALA B 216 10.23 7.90 4.59
CA ALA B 216 9.56 8.70 3.56
C ALA B 216 10.54 9.37 2.60
N PHE B 217 11.51 10.13 3.11
CA PHE B 217 12.39 10.85 2.20
C PHE B 217 13.56 10.04 1.66
N MET B 218 13.80 8.87 2.22
CA MET B 218 14.82 7.98 1.69
C MET B 218 14.22 6.98 0.69
N GLU B 219 13.02 6.49 1.00
CA GLU B 219 12.49 5.33 0.30
C GLU B 219 11.14 5.54 -0.38
N GLY B 220 10.54 6.71 -0.18
CA GLY B 220 9.20 6.92 -0.69
C GLY B 220 8.18 6.03 0.02
N ILE B 221 8.50 5.55 1.21
CA ILE B 221 7.56 4.75 1.99
C ILE B 221 6.67 5.60 2.91
N PHE B 222 5.35 5.49 2.72
CA PHE B 222 4.39 6.18 3.57
C PHE B 222 3.38 5.21 4.19
N THR B 223 3.22 5.30 5.50
CA THR B 223 2.25 4.50 6.24
C THR B 223 1.59 5.41 7.27
N SER B 224 0.79 4.85 8.19
CA SER B 224 0.20 5.67 9.24
C SER B 224 1.28 6.19 10.16
N LYS B 225 2.39 5.44 10.24
CA LYS B 225 3.50 5.82 11.10
C LYS B 225 4.28 7.00 10.56
N THR B 226 4.20 7.22 9.25
CA THR B 226 4.85 8.40 8.68
C THR B 226 4.00 9.65 8.90
N ASP B 227 2.69 9.48 8.97
CA ASP B 227 1.82 10.59 9.39
C ASP B 227 2.08 10.93 10.86
N THR B 228 2.44 9.93 11.65
CA THR B 228 2.75 10.20 13.05
C THR B 228 3.96 11.11 13.17
N TRP B 229 4.99 10.84 12.38
CA TRP B 229 6.18 11.68 12.36
C TRP B 229 5.79 13.11 12.03
N SER B 230 5.01 13.26 10.96
CA SER B 230 4.64 14.60 10.49
C SER B 230 3.83 15.35 11.55
N PHE B 231 3.01 14.62 12.29
CA PHE B 231 2.23 15.23 13.36
C PHE B 231 3.15 15.75 14.46
N GLY B 232 4.23 15.03 14.74
CA GLY B 232 5.19 15.49 15.72
C GLY B 232 5.85 16.80 15.31
N VAL B 233 6.11 16.96 14.02
CA VAL B 233 6.65 18.23 13.52
C VAL B 233 5.59 19.34 13.59
N LEU B 234 4.34 18.99 13.31
CA LEU B 234 3.23 19.92 13.47
C LEU B 234 3.06 20.38 14.92
N LEU B 235 3.23 19.46 15.86
CA LEU B 235 3.22 19.80 17.29
C LEU B 235 4.27 20.86 17.60
N TRP B 236 5.45 20.67 17.03
CA TRP B 236 6.53 21.63 17.24
C TRP B 236 6.14 22.99 16.65
N GLU B 237 5.51 22.97 15.47
CA GLU B 237 5.01 24.18 14.83
C GLU B 237 4.04 24.91 15.75
N ILE B 238 3.19 24.15 16.41
CA ILE B 238 2.14 24.72 17.24
C ILE B 238 2.71 25.37 18.48
N PHE B 239 3.61 24.68 19.17
CA PHE B 239 4.12 25.19 20.42
C PHE B 239 5.29 26.15 20.28
N SER B 240 5.86 26.21 19.08
CA SER B 240 6.82 27.27 18.74
C SER B 240 6.07 28.52 18.31
N LEU B 241 4.75 28.39 18.13
CA LEU B 241 3.91 29.49 17.66
C LEU B 241 4.17 29.84 16.20
N GLY B 242 4.31 28.82 15.37
CA GLY B 242 4.36 29.06 13.94
C GLY B 242 5.74 29.34 13.37
N TYR B 243 6.78 28.83 14.00
CA TYR B 243 8.11 28.88 13.40
C TYR B 243 8.29 27.79 12.36
N MET B 244 9.18 28.02 11.41
CA MET B 244 9.58 26.98 10.47
C MET B 244 10.44 25.94 11.21
N PRO B 245 10.14 24.65 11.02
CA PRO B 245 10.93 23.59 11.67
C PRO B 245 12.41 23.70 11.29
N TYR B 246 13.28 23.23 12.19
CA TYR B 246 14.71 23.24 11.95
C TYR B 246 15.18 24.61 11.50
N PRO B 247 15.05 25.61 12.37
CA PRO B 247 15.46 26.98 12.03
C PRO B 247 16.91 27.01 11.58
N SER B 248 17.19 27.79 10.54
CA SER B 248 18.54 28.01 10.05
C SER B 248 19.14 26.80 9.31
N LYS B 249 18.36 25.72 9.18
CA LYS B 249 18.81 24.59 8.40
C LYS B 249 18.10 24.47 7.05
N SER B 250 18.86 24.08 6.03
CA SER B 250 18.28 23.82 4.71
C SER B 250 17.73 22.39 4.67
N ASN B 251 17.06 22.06 3.57
CA ASN B 251 16.43 20.75 3.43
C ASN B 251 17.44 19.62 3.53
N GLN B 252 18.56 19.72 2.81
CA GLN B 252 19.54 18.65 2.86
C GLN B 252 20.23 18.59 4.21
N GLU B 253 20.45 19.74 4.83
CA GLU B 253 21.03 19.76 6.16
C GLU B 253 20.10 19.08 7.16
N VAL B 254 18.79 19.26 6.97
CA VAL B 254 17.82 18.58 7.82
C VAL B 254 17.86 17.06 7.61
N LEU B 255 17.94 16.63 6.36
CA LEU B 255 17.97 15.20 6.04
C LEU B 255 19.18 14.50 6.63
N GLU B 256 20.36 15.11 6.48
CA GLU B 256 21.58 14.60 7.10
C GLU B 256 21.46 14.63 8.62
N PHE B 257 20.91 15.73 9.14
CA PHE B 257 20.75 15.89 10.57
C PHE B 257 19.85 14.76 11.08
N VAL B 258 18.65 14.66 10.51
CA VAL B 258 17.67 13.69 10.97
C VAL B 258 18.14 12.25 10.79
N THR B 259 18.82 11.98 9.68
CA THR B 259 19.39 10.66 9.44
C THR B 259 20.44 10.26 10.46
N SER B 260 21.10 11.26 11.04
CA SER B 260 22.15 11.02 12.04
C SER B 260 21.59 10.91 13.46
N GLY B 261 20.28 10.98 13.61
CA GLY B 261 19.68 10.88 14.92
C GLY B 261 19.35 12.22 15.56
N GLY B 262 19.68 13.31 14.87
CA GLY B 262 19.34 14.63 15.37
C GLY B 262 17.86 14.97 15.31
N ARG B 263 17.39 15.72 16.31
CA ARG B 263 15.99 16.14 16.39
C ARG B 263 15.95 17.59 16.85
N MET B 264 14.84 18.27 16.55
CA MET B 264 14.62 19.62 17.06
C MET B 264 14.60 19.69 18.58
N ASP B 265 15.18 20.75 19.13
CA ASP B 265 15.06 21.04 20.55
C ASP B 265 13.63 21.47 20.87
N PRO B 266 13.26 21.48 22.16
CA PRO B 266 11.96 21.99 22.57
C PRO B 266 11.79 23.43 22.10
N PRO B 267 10.62 23.77 21.57
CA PRO B 267 10.38 25.18 21.29
C PRO B 267 10.39 26.00 22.60
N LYS B 268 10.47 27.31 22.47
CA LYS B 268 10.61 28.16 23.66
C LYS B 268 9.49 27.89 24.68
N ASN B 269 9.90 27.65 25.92
CA ASN B 269 8.96 27.43 27.02
C ASN B 269 8.09 26.19 26.87
N CYS B 270 8.43 25.31 25.94
CA CYS B 270 7.63 24.10 25.76
C CYS B 270 7.76 23.21 26.99
N PRO B 271 6.62 22.82 27.58
CA PRO B 271 6.63 21.95 28.77
C PRO B 271 7.12 20.54 28.44
N GLY B 272 7.82 19.95 29.40
CA GLY B 272 8.47 18.66 29.18
C GLY B 272 7.53 17.61 28.62
N PRO B 273 6.38 17.37 29.26
CA PRO B 273 5.45 16.35 28.77
C PRO B 273 5.02 16.55 27.31
N VAL B 274 4.97 17.80 26.85
CA VAL B 274 4.56 18.02 25.47
C VAL B 274 5.69 17.71 24.50
N TYR B 275 6.92 18.05 24.88
CA TYR B 275 8.08 17.73 24.06
C TYR B 275 8.27 16.22 23.97
N ARG B 276 7.98 15.51 25.05
CA ARG B 276 8.08 14.05 25.06
C ARG B 276 7.16 13.40 24.04
N ILE B 277 6.03 14.02 23.73
CA ILE B 277 5.16 13.51 22.68
C ILE B 277 5.84 13.67 21.32
N MET B 278 6.44 14.82 21.08
CA MET B 278 7.19 15.04 19.85
C MET B 278 8.28 13.99 19.64
N THR B 279 9.11 13.78 20.65
CA THR B 279 10.23 12.84 20.52
C THR B 279 9.78 11.40 20.27
N GLN B 280 8.62 11.03 20.82
CA GLN B 280 8.04 9.72 20.53
C GLN B 280 7.56 9.63 19.08
N CYS B 281 7.05 10.74 18.55
CA CYS B 281 6.61 10.78 17.16
C CYS B 281 7.81 10.66 16.22
N TRP B 282 8.97 11.07 16.70
CA TRP B 282 10.18 11.09 15.87
C TRP B 282 11.12 9.92 16.12
N GLN B 283 10.62 8.82 16.67
CA GLN B 283 11.44 7.62 16.80
C GLN B 283 11.93 7.23 15.40
N HIS B 284 13.20 6.82 15.30
CA HIS B 284 13.77 6.48 14.00
C HIS B 284 13.02 5.32 13.35
N GLN B 285 12.68 4.32 14.15
CA GLN B 285 11.96 3.15 13.66
C GLN B 285 10.45 3.36 13.78
N PRO B 286 9.73 3.14 12.67
CA PRO B 286 8.29 3.42 12.65
C PRO B 286 7.46 2.68 13.70
N GLU B 287 7.79 1.43 13.97
CA GLU B 287 7.02 0.66 14.95
C GLU B 287 7.25 1.13 16.38
N ASP B 288 8.30 1.92 16.59
CA ASP B 288 8.53 2.55 17.89
C ASP B 288 7.65 3.78 18.09
N ARG B 289 7.08 4.29 17.01
CA ARG B 289 6.26 5.50 17.08
C ARG B 289 4.82 5.16 17.44
N PRO B 290 4.17 6.01 18.25
CA PRO B 290 2.79 5.78 18.67
C PRO B 290 1.81 5.96 17.52
N ASN B 291 0.70 5.23 17.56
CA ASN B 291 -0.42 5.48 16.67
C ASN B 291 -1.19 6.67 17.24
N PHE B 292 -2.20 7.15 16.51
CA PHE B 292 -2.87 8.37 16.90
C PHE B 292 -3.80 8.26 18.11
N ALA B 293 -4.28 7.06 18.40
CA ALA B 293 -5.05 6.87 19.63
C ALA B 293 -4.16 7.05 20.87
N ILE B 294 -2.94 6.56 20.81
CA ILE B 294 -1.97 6.75 21.90
C ILE B 294 -1.55 8.22 22.00
N ILE B 295 -1.30 8.85 20.86
CA ILE B 295 -0.98 10.27 20.83
C ILE B 295 -2.10 11.11 21.42
N LEU B 296 -3.34 10.77 21.09
CA LEU B 296 -4.51 11.47 21.63
C LEU B 296 -4.57 11.33 23.15
N GLU B 297 -4.38 10.10 23.64
CA GLU B 297 -4.40 9.87 25.08
C GLU B 297 -3.31 10.66 25.80
N ARG B 298 -2.15 10.81 25.16
CA ARG B 298 -1.05 11.53 25.80
C ARG B 298 -1.26 13.03 25.76
N ILE B 299 -1.95 13.52 24.73
CA ILE B 299 -2.31 14.93 24.64
C ILE B 299 -3.35 15.31 25.69
N GLU B 300 -4.35 14.45 25.86
CA GLU B 300 -5.36 14.68 26.89
C GLU B 300 -4.74 14.62 28.29
N TYR B 301 -3.74 13.76 28.46
CA TYR B 301 -3.03 13.66 29.72
C TYR B 301 -2.30 14.98 30.04
N CYS B 302 -1.65 15.55 29.04
CA CYS B 302 -0.97 16.83 29.21
C CYS B 302 -1.98 17.91 29.56
N THR B 303 -3.21 17.75 29.08
CA THR B 303 -4.22 18.77 29.24
C THR B 303 -4.72 18.79 30.67
N GLN B 304 -4.56 17.66 31.36
CA GLN B 304 -5.00 17.54 32.75
C GLN B 304 -3.92 18.06 33.70
N ASP B 305 -2.69 18.14 33.21
CA ASP B 305 -1.55 18.46 34.06
C ASP B 305 -1.42 19.96 34.29
N PRO B 306 -1.58 20.40 35.55
CA PRO B 306 -1.57 21.82 35.90
C PRO B 306 -0.27 22.53 35.56
N ASP B 307 0.84 21.80 35.64
CA ASP B 307 2.15 22.39 35.34
C ASP B 307 2.36 22.63 33.85
N VAL B 308 1.65 21.89 33.01
CA VAL B 308 1.67 22.16 31.58
C VAL B 308 0.82 23.39 31.29
N ILE B 309 -0.46 23.33 31.67
CA ILE B 309 -1.39 24.34 31.21
C ILE B 309 -1.26 25.67 31.93
N ASN B 310 -0.48 25.70 33.01
CA ASN B 310 -0.18 26.95 33.71
C ASN B 310 1.12 27.61 33.23
N THR B 311 1.81 26.95 32.31
CA THR B 311 3.01 27.50 31.69
C THR B 311 2.61 28.63 30.75
N ALA B 312 3.29 29.76 30.87
CA ALA B 312 3.02 30.89 29.98
C ALA B 312 3.75 30.77 28.65
N LEU B 313 3.11 31.24 27.58
CA LEU B 313 3.76 31.25 26.27
C LEU B 313 4.71 32.43 26.22
N PRO B 314 5.79 32.30 25.43
CA PRO B 314 6.81 33.35 25.32
C PRO B 314 6.27 34.59 24.63
N ILE B 315 6.79 35.75 25.02
CA ILE B 315 6.34 37.00 24.44
C ILE B 315 7.32 37.52 23.40
N GLU B 316 6.78 37.95 22.27
CA GLU B 316 7.57 38.37 21.11
C GLU B 316 7.94 39.86 21.20
N TYR B 317 8.71 40.22 22.11
#